data_5NPI
#
_entry.id   5NPI
#
_cell.length_a   155.936
_cell.length_b   155.936
_cell.length_c   61.508
_cell.angle_alpha   90.00
_cell.angle_beta   90.00
_cell.angle_gamma   90.00
#
_symmetry.space_group_name_H-M   'P 41 21 2'
#
loop_
_entity.id
_entity.type
_entity.pdbx_description
1 polymer 'Single chain variable fragment of the non-neutralizing antibody DAO5'
2 polymer 'Epitope peptide'
3 water water
#
loop_
_entity_poly.entity_id
_entity_poly.type
_entity_poly.pdbx_seq_one_letter_code
_entity_poly.pdbx_strand_id
1 'polypeptide(L)'
;AMREVQLQQSGPELVKPGASLKISCKTSGYTFTDFTFHWVKLSHGPSLEWIGTIKPSNGDTAYNQKFKGKATLSVDKSAS
TAHIEFRSLTSEDSAVYFCARFGGSYPYAMDYWGQGTSVIVSSGTGGSGGGGSGGGGSGGGASDIVLTQSPATLSVTPGD
RVSLSCRASQGIYNYVHWFQQKSHESPRLLIKYASQSISGIPSRFSGSGSGTDFTLSINSVESEDFGMYFCQQTNKWPLT
FGAGTKLELKAAADDDDKAGWSHPQFEKGGGSGGGSGGGSWSHPQFEK
;
A,B
2 'polypeptide(L)' WGENETDVMLLN E,D
#
# COMPACT_ATOMS: atom_id res chain seq x y z
N GLU A 4 -26.47 -5.22 -2.39
CA GLU A 4 -25.09 -5.28 -1.93
C GLU A 4 -24.38 -3.90 -1.91
N VAL A 5 -24.20 -3.38 -0.69
CA VAL A 5 -23.52 -2.13 -0.44
C VAL A 5 -22.00 -2.33 -0.56
N GLN A 6 -21.32 -1.38 -1.20
CA GLN A 6 -19.87 -1.44 -1.29
C GLN A 6 -19.29 -0.04 -1.29
N LEU A 7 -18.16 0.14 -0.59
CA LEU A 7 -17.36 1.35 -0.55
C LEU A 7 -16.04 0.93 -1.17
N GLN A 8 -15.68 1.52 -2.30
CA GLN A 8 -14.46 1.18 -3.03
C GLN A 8 -13.50 2.34 -3.00
N GLN A 9 -12.34 2.13 -2.39
CA GLN A 9 -11.32 3.17 -2.28
C GLN A 9 -10.34 3.14 -3.43
N SER A 10 -9.76 4.31 -3.75
CA SER A 10 -8.74 4.44 -4.77
C SER A 10 -7.45 3.68 -4.33
N GLY A 11 -6.61 3.35 -5.31
CA GLY A 11 -5.42 2.53 -5.14
C GLY A 11 -4.30 3.11 -4.29
N PRO A 12 -3.22 2.30 -4.09
CA PRO A 12 -2.09 2.77 -3.26
C PRO A 12 -1.40 4.01 -3.83
N GLU A 13 -0.94 4.87 -2.94
CA GLU A 13 -0.30 6.12 -3.31
C GLU A 13 1.09 6.21 -2.72
N LEU A 14 1.98 6.88 -3.46
CA LEU A 14 3.34 7.13 -3.03
C LEU A 14 3.69 8.55 -3.49
N VAL A 15 3.96 9.45 -2.56
CA VAL A 15 4.20 10.86 -2.86
C VAL A 15 5.47 11.40 -2.20
N LYS A 16 5.86 12.61 -2.61
CA LYS A 16 7.02 13.34 -2.12
C LYS A 16 6.61 14.14 -0.87
N PRO A 17 7.51 14.40 0.11
CA PRO A 17 7.14 15.28 1.24
C PRO A 17 6.76 16.69 0.74
N GLY A 18 5.74 17.28 1.35
CA GLY A 18 5.21 18.59 0.98
C GLY A 18 4.09 18.52 -0.03
N ALA A 19 3.87 17.35 -0.65
CA ALA A 19 2.82 17.20 -1.66
C ALA A 19 1.41 17.22 -1.07
N SER A 20 0.43 17.48 -1.94
CA SER A 20 -0.99 17.41 -1.64
C SER A 20 -1.46 16.10 -2.28
N LEU A 21 -2.53 15.51 -1.74
CA LEU A 21 -3.04 14.25 -2.27
C LEU A 21 -4.53 14.14 -1.98
N LYS A 22 -5.31 13.79 -2.99
CA LYS A 22 -6.74 13.57 -2.85
C LYS A 22 -7.01 12.07 -3.07
N ILE A 23 -7.63 11.41 -2.08
CA ILE A 23 -7.96 9.98 -2.22
C ILE A 23 -9.48 9.84 -2.22
N SER A 24 -10.01 8.82 -2.90
CA SER A 24 -11.45 8.72 -3.05
C SER A 24 -12.09 7.47 -2.48
N CYS A 25 -13.41 7.56 -2.27
CA CYS A 25 -14.24 6.50 -1.75
C CYS A 25 -15.55 6.48 -2.55
N LYS A 26 -15.71 5.52 -3.47
CA LYS A 26 -16.93 5.49 -4.27
C LYS A 26 -17.90 4.39 -3.81
N THR A 27 -19.16 4.77 -3.71
CA THR A 27 -20.19 3.85 -3.23
C THR A 27 -20.99 3.20 -4.35
N SER A 28 -21.64 2.08 -4.02
CA SER A 28 -22.58 1.37 -4.90
C SER A 28 -23.57 0.58 -4.05
N GLY A 29 -24.75 0.35 -4.61
CA GLY A 29 -25.78 -0.46 -3.96
C GLY A 29 -26.73 0.26 -3.01
N TYR A 30 -26.59 1.59 -2.84
CA TYR A 30 -27.48 2.37 -1.98
C TYR A 30 -27.42 3.87 -2.34
N THR A 31 -28.30 4.68 -1.77
CA THR A 31 -28.36 6.13 -2.03
C THR A 31 -27.27 6.83 -1.26
N PHE A 32 -26.25 7.31 -1.98
CA PHE A 32 -25.04 7.97 -1.47
C PHE A 32 -25.31 9.06 -0.39
N THR A 33 -26.36 9.89 -0.58
CA THR A 33 -26.67 10.98 0.38
C THR A 33 -27.30 10.51 1.70
N ASP A 34 -27.56 9.19 1.87
CA ASP A 34 -28.18 8.68 3.10
C ASP A 34 -27.41 8.85 4.39
N PHE A 35 -26.12 8.54 4.37
CA PHE A 35 -25.35 8.46 5.62
C PHE A 35 -24.07 9.23 5.62
N THR A 36 -23.67 9.74 6.81
CA THR A 36 -22.40 10.44 6.97
C THR A 36 -21.23 9.53 6.59
N PHE A 37 -20.16 10.11 6.03
CA PHE A 37 -18.93 9.42 5.68
C PHE A 37 -17.86 9.79 6.67
N HIS A 38 -17.06 8.80 7.07
CA HIS A 38 -15.99 8.97 8.05
C HIS A 38 -14.69 8.49 7.50
N TRP A 39 -13.59 9.18 7.88
CA TRP A 39 -12.23 8.80 7.50
C TRP A 39 -11.46 8.44 8.78
N VAL A 40 -10.77 7.30 8.71
CA VAL A 40 -10.03 6.72 9.83
C VAL A 40 -8.60 6.43 9.39
N LYS A 41 -7.64 6.81 10.25
CA LYS A 41 -6.22 6.59 10.03
C LYS A 41 -5.76 5.35 10.82
N LEU A 42 -5.14 4.40 10.12
CA LEU A 42 -4.56 3.24 10.77
C LEU A 42 -3.04 3.43 10.82
N SER A 43 -2.46 3.37 12.06
CA SER A 43 -1.02 3.50 12.33
C SER A 43 -0.56 2.24 13.07
N HIS A 44 0.75 2.13 13.43
CA HIS A 44 1.26 0.88 14.05
C HIS A 44 0.57 0.55 15.38
N GLY A 45 0.51 -0.75 15.68
CA GLY A 45 -0.12 -1.30 16.88
C GLY A 45 -0.84 -2.58 16.55
N PRO A 46 -1.85 -2.58 15.65
CA PRO A 46 -2.47 -1.44 14.95
C PRO A 46 -3.22 -0.49 15.88
N SER A 47 -3.29 0.78 15.48
CA SER A 47 -3.98 1.84 16.19
C SER A 47 -4.90 2.55 15.20
N LEU A 48 -6.11 2.91 15.65
CA LEU A 48 -7.10 3.63 14.82
C LEU A 48 -7.35 5.02 15.38
N GLU A 49 -7.43 6.03 14.49
CA GLU A 49 -7.75 7.41 14.85
C GLU A 49 -8.84 7.89 13.90
N TRP A 50 -9.82 8.62 14.42
CA TRP A 50 -10.90 9.22 13.64
C TRP A 50 -10.43 10.60 13.17
N ILE A 51 -10.49 10.85 11.86
CA ILE A 51 -10.04 12.13 11.28
C ILE A 51 -11.19 13.15 11.26
N GLY A 52 -12.34 12.69 10.81
CA GLY A 52 -13.51 13.54 10.65
C GLY A 52 -14.65 12.88 9.89
N THR A 53 -15.73 13.63 9.76
CA THR A 53 -16.94 13.19 9.08
C THR A 53 -17.53 14.29 8.19
N ILE A 54 -18.19 13.86 7.10
CA ILE A 54 -18.93 14.73 6.18
C ILE A 54 -20.34 14.15 5.98
N LYS A 55 -21.35 15.02 6.03
CA LYS A 55 -22.76 14.68 5.77
C LYS A 55 -22.95 14.91 4.28
N PRO A 56 -23.13 13.84 3.47
CA PRO A 56 -23.21 14.03 2.00
C PRO A 56 -24.43 14.78 1.48
N SER A 57 -25.54 14.77 2.21
CA SER A 57 -26.75 15.45 1.78
C SER A 57 -26.56 17.00 1.70
N ASN A 58 -25.75 17.60 2.60
CA ASN A 58 -25.59 19.06 2.64
C ASN A 58 -24.13 19.55 2.72
N GLY A 59 -23.16 18.65 2.83
CA GLY A 59 -21.75 19.00 2.91
C GLY A 59 -21.21 19.43 4.26
N ASP A 60 -22.05 19.40 5.34
CA ASP A 60 -21.60 19.75 6.69
C ASP A 60 -20.50 18.81 7.17
N THR A 61 -19.52 19.35 7.90
CA THR A 61 -18.37 18.59 8.40
C THR A 61 -18.13 18.77 9.88
N ALA A 62 -17.43 17.81 10.49
CA ALA A 62 -16.96 17.85 11.87
C ALA A 62 -15.59 17.15 11.82
N TYR A 63 -14.54 17.85 12.29
CA TYR A 63 -13.18 17.33 12.26
C TYR A 63 -12.64 17.04 13.63
N ASN A 64 -11.69 16.07 13.70
CA ASN A 64 -10.87 15.87 14.88
C ASN A 64 -9.86 17.05 14.76
N GLN A 65 -9.80 17.93 15.77
CA GLN A 65 -8.90 19.10 15.79
C GLN A 65 -7.44 18.78 15.45
N LYS A 66 -6.98 17.55 15.77
CA LYS A 66 -5.61 17.09 15.45
C LYS A 66 -5.37 17.08 13.92
N PHE A 67 -6.44 16.88 13.12
CA PHE A 67 -6.31 16.80 11.66
C PHE A 67 -6.84 18.01 10.89
N LYS A 68 -7.39 19.03 11.58
CA LYS A 68 -7.97 20.23 10.98
C LYS A 68 -7.02 20.97 10.00
N GLY A 69 -5.74 21.09 10.33
CA GLY A 69 -4.81 21.77 9.42
C GLY A 69 -4.20 20.88 8.35
N LYS A 70 -4.61 19.60 8.30
CA LYS A 70 -4.05 18.55 7.47
C LYS A 70 -4.95 18.03 6.35
N ALA A 71 -6.23 17.76 6.69
CA ALA A 71 -7.15 17.12 5.77
C ALA A 71 -8.43 17.88 5.57
N THR A 72 -8.97 17.81 4.35
CA THR A 72 -10.24 18.40 3.96
C THR A 72 -11.13 17.29 3.39
N LEU A 73 -12.36 17.18 3.93
CA LEU A 73 -13.37 16.20 3.50
C LEU A 73 -14.29 16.88 2.51
N SER A 74 -14.66 16.16 1.44
CA SER A 74 -15.59 16.66 0.41
C SER A 74 -16.36 15.49 -0.18
N VAL A 75 -17.47 15.80 -0.89
CA VAL A 75 -18.27 14.80 -1.60
C VAL A 75 -18.55 15.31 -3.01
N ASP A 76 -18.67 14.39 -3.95
CA ASP A 76 -19.09 14.63 -5.32
C ASP A 76 -20.39 13.83 -5.44
N LYS A 77 -21.53 14.49 -5.22
CA LYS A 77 -22.85 13.83 -5.27
C LYS A 77 -23.16 13.24 -6.66
N SER A 78 -22.77 13.93 -7.72
CA SER A 78 -23.00 13.48 -9.10
C SER A 78 -22.26 12.14 -9.38
N ALA A 79 -21.11 11.92 -8.75
CA ALA A 79 -20.30 10.69 -8.91
C ALA A 79 -20.47 9.69 -7.76
N SER A 80 -21.31 10.02 -6.74
CA SER A 80 -21.51 9.18 -5.53
C SER A 80 -20.13 8.79 -4.96
N THR A 81 -19.27 9.81 -4.83
CA THR A 81 -17.91 9.65 -4.35
C THR A 81 -17.57 10.64 -3.24
N ALA A 82 -16.97 10.13 -2.16
CA ALA A 82 -16.47 10.92 -1.03
C ALA A 82 -14.96 11.05 -1.22
N HIS A 83 -14.40 12.19 -0.85
CA HIS A 83 -12.97 12.44 -0.97
C HIS A 83 -12.37 12.99 0.30
N ILE A 84 -11.08 12.74 0.47
CA ILE A 84 -10.25 13.33 1.52
C ILE A 84 -9.01 13.87 0.82
N GLU A 85 -8.68 15.14 1.10
CA GLU A 85 -7.49 15.77 0.54
C GLU A 85 -6.55 16.17 1.64
N PHE A 86 -5.30 15.73 1.53
CA PHE A 86 -4.23 16.02 2.47
C PHE A 86 -3.34 17.09 1.89
N ARG A 87 -2.80 17.96 2.75
CA ARG A 87 -1.86 18.98 2.31
C ARG A 87 -0.58 18.91 3.16
N SER A 88 0.57 19.37 2.61
CA SER A 88 1.88 19.43 3.31
C SER A 88 2.25 18.07 3.95
N LEU A 89 2.13 17.00 3.15
CA LEU A 89 2.36 15.64 3.61
C LEU A 89 3.76 15.42 4.11
N THR A 90 3.90 14.70 5.22
CA THR A 90 5.20 14.37 5.83
C THR A 90 5.19 12.86 6.12
N SER A 91 6.37 12.32 6.53
CA SER A 91 6.55 10.93 6.93
C SER A 91 5.51 10.48 7.96
N GLU A 92 5.08 11.40 8.86
CA GLU A 92 4.07 11.17 9.91
C GLU A 92 2.67 10.84 9.33
N ASP A 93 2.44 11.22 8.07
CA ASP A 93 1.18 10.95 7.38
C ASP A 93 1.16 9.59 6.65
N SER A 94 2.32 8.88 6.55
CA SER A 94 2.31 7.55 5.90
C SER A 94 1.46 6.63 6.78
N ALA A 95 0.40 6.07 6.20
CA ALA A 95 -0.58 5.25 6.91
C ALA A 95 -1.56 4.63 5.94
N VAL A 96 -2.44 3.75 6.47
CA VAL A 96 -3.56 3.21 5.72
C VAL A 96 -4.76 4.08 6.14
N TYR A 97 -5.52 4.62 5.16
CA TYR A 97 -6.67 5.45 5.43
C TYR A 97 -7.93 4.71 4.97
N PHE A 98 -8.91 4.60 5.84
CA PHE A 98 -10.18 3.94 5.56
C PHE A 98 -11.32 4.95 5.47
N CYS A 99 -12.28 4.70 4.58
CA CYS A 99 -13.54 5.46 4.55
C CYS A 99 -14.57 4.47 5.09
N ALA A 100 -15.63 4.98 5.71
CA ALA A 100 -16.71 4.18 6.25
C ALA A 100 -17.96 4.99 6.23
N ARG A 101 -19.10 4.34 6.11
CA ARG A 101 -20.38 5.04 6.19
C ARG A 101 -20.97 4.75 7.57
N PHE A 102 -21.78 5.65 8.10
CA PHE A 102 -22.42 5.50 9.42
C PHE A 102 -23.91 5.30 9.13
N GLY A 103 -24.27 4.05 8.84
CA GLY A 103 -25.64 3.71 8.46
C GLY A 103 -26.16 2.38 8.95
N GLY A 104 -27.02 1.78 8.14
CA GLY A 104 -27.69 0.51 8.43
C GLY A 104 -29.06 0.79 9.01
N SER A 105 -29.61 -0.17 9.76
CA SER A 105 -30.89 0.03 10.44
C SER A 105 -30.67 1.01 11.60
N TYR A 106 -31.68 1.81 11.94
CA TYR A 106 -31.61 2.77 13.05
C TYR A 106 -31.45 2.01 14.40
N PRO A 107 -30.60 2.46 15.34
CA PRO A 107 -29.64 3.59 15.29
C PRO A 107 -28.39 3.21 14.49
N TYR A 108 -27.91 4.13 13.66
CA TYR A 108 -26.79 3.92 12.74
C TYR A 108 -25.43 3.70 13.42
N ALA A 109 -24.50 3.03 12.71
CA ALA A 109 -23.14 2.81 13.20
C ALA A 109 -22.22 2.61 11.98
N MET A 110 -20.89 2.52 12.19
CA MET A 110 -19.94 2.35 11.07
C MET A 110 -20.03 0.92 10.56
N ASP A 111 -21.03 0.66 9.72
CA ASP A 111 -21.37 -0.69 9.26
C ASP A 111 -20.63 -1.18 8.00
N TYR A 112 -20.36 -0.29 7.04
CA TYR A 112 -19.64 -0.65 5.80
C TYR A 112 -18.41 0.21 5.68
N TRP A 113 -17.30 -0.43 5.33
CA TRP A 113 -16.00 0.21 5.24
C TRP A 113 -15.40 -0.05 3.88
N GLY A 114 -14.56 0.88 3.42
CA GLY A 114 -13.78 0.67 2.21
C GLY A 114 -12.65 -0.28 2.55
N GLN A 115 -11.91 -0.77 1.54
CA GLN A 115 -10.80 -1.72 1.73
C GLN A 115 -9.53 -1.05 2.27
N GLY A 116 -9.50 0.29 2.29
CA GLY A 116 -8.35 1.04 2.76
C GLY A 116 -7.40 1.45 1.65
N THR A 117 -6.74 2.60 1.83
CA THR A 117 -5.74 3.13 0.89
C THR A 117 -4.44 3.32 1.64
N SER A 118 -3.36 2.67 1.15
CA SER A 118 -2.03 2.84 1.71
C SER A 118 -1.45 4.10 1.10
N VAL A 119 -1.04 5.04 1.94
CA VAL A 119 -0.42 6.29 1.53
C VAL A 119 1.00 6.28 2.06
N ILE A 120 1.98 6.35 1.16
CA ILE A 120 3.39 6.44 1.54
C ILE A 120 3.90 7.83 1.22
N VAL A 121 4.45 8.52 2.21
CA VAL A 121 5.11 9.79 1.98
C VAL A 121 6.58 9.39 2.01
N SER A 122 7.16 9.27 0.81
CA SER A 122 8.49 8.74 0.58
C SER A 122 9.63 9.66 1.04
N SER A 123 10.66 9.08 1.69
CA SER A 123 11.89 9.77 2.14
C SER A 123 12.91 9.91 0.99
N GLY A 124 12.60 9.32 -0.18
CA GLY A 124 13.49 9.36 -1.34
C GLY A 124 14.53 8.26 -1.37
N THR A 125 15.58 8.43 -2.20
CA THR A 125 16.67 7.45 -2.38
C THR A 125 17.83 7.66 -1.39
N ALA A 142 -7.77 17.04 25.08
CA ALA A 142 -7.73 17.34 26.52
C ALA A 142 -9.07 16.99 27.18
N SER A 143 -10.17 17.45 26.57
CA SER A 143 -11.55 17.17 26.98
C SER A 143 -12.10 15.96 26.18
N ASP A 144 -11.27 15.35 25.31
CA ASP A 144 -11.65 14.20 24.48
C ASP A 144 -11.92 12.97 25.35
N ILE A 145 -12.95 12.17 25.02
CA ILE A 145 -13.27 10.94 25.77
C ILE A 145 -12.13 9.94 25.55
N VAL A 146 -11.56 9.44 26.65
CA VAL A 146 -10.49 8.43 26.64
C VAL A 146 -11.17 7.09 26.89
N LEU A 147 -10.88 6.11 26.05
CA LEU A 147 -11.41 4.74 26.19
C LEU A 147 -10.24 3.83 26.56
N THR A 148 -10.31 3.19 27.74
CA THR A 148 -9.23 2.31 28.21
C THR A 148 -9.63 0.87 27.99
N GLN A 149 -8.88 0.17 27.16
CA GLN A 149 -9.15 -1.21 26.86
C GLN A 149 -8.23 -2.14 27.64
N SER A 150 -8.84 -3.14 28.27
CA SER A 150 -8.07 -4.13 29.00
C SER A 150 -8.75 -5.48 28.90
N PRO A 151 -8.00 -6.60 29.03
CA PRO A 151 -6.51 -6.69 29.07
C PRO A 151 -5.98 -6.25 27.69
N ALA A 152 -4.73 -5.74 27.61
CA ALA A 152 -4.16 -5.30 26.32
C ALA A 152 -3.91 -6.50 25.40
N THR A 153 -3.64 -7.66 26.00
CA THR A 153 -3.41 -8.92 25.29
C THR A 153 -4.15 -10.05 25.97
N LEU A 154 -4.79 -10.90 25.16
CA LEU A 154 -5.46 -12.11 25.61
C LEU A 154 -4.85 -13.24 24.80
N SER A 155 -4.01 -14.11 25.44
CA SER A 155 -3.38 -15.26 24.78
C SER A 155 -4.17 -16.50 25.21
N VAL A 156 -4.96 -17.02 24.29
CA VAL A 156 -5.88 -18.12 24.58
C VAL A 156 -5.81 -19.24 23.57
N THR A 157 -6.42 -20.36 23.95
CA THR A 157 -6.58 -21.53 23.12
C THR A 157 -8.00 -21.46 22.54
N PRO A 158 -8.25 -21.87 21.26
CA PRO A 158 -9.64 -21.90 20.76
C PRO A 158 -10.52 -22.77 21.68
N GLY A 159 -11.71 -22.29 21.97
CA GLY A 159 -12.61 -22.94 22.92
C GLY A 159 -12.68 -22.20 24.25
N ASP A 160 -11.72 -21.28 24.55
CA ASP A 160 -11.76 -20.46 25.79
C ASP A 160 -12.86 -19.39 25.64
N ARG A 161 -13.47 -19.00 26.75
CA ARG A 161 -14.48 -17.97 26.80
C ARG A 161 -13.72 -16.73 27.26
N VAL A 162 -13.89 -15.60 26.55
CA VAL A 162 -13.17 -14.37 26.90
C VAL A 162 -14.11 -13.18 27.06
N SER A 163 -13.64 -12.15 27.80
CA SER A 163 -14.32 -10.88 28.02
C SER A 163 -13.32 -9.76 27.86
N LEU A 164 -13.67 -8.77 27.07
CA LEU A 164 -12.85 -7.61 26.73
C LEU A 164 -13.52 -6.37 27.32
N SER A 165 -12.76 -5.55 28.04
CA SER A 165 -13.26 -4.36 28.73
C SER A 165 -12.91 -3.09 28.01
N CYS A 166 -13.84 -2.15 28.09
CA CYS A 166 -13.66 -0.81 27.54
C CYS A 166 -14.20 0.14 28.63
N ARG A 167 -13.31 0.93 29.26
CA ARG A 167 -13.69 1.89 30.29
C ARG A 167 -13.62 3.32 29.73
N ALA A 168 -14.72 4.07 29.79
CA ALA A 168 -14.77 5.44 29.30
C ALA A 168 -14.39 6.43 30.41
N SER A 169 -13.68 7.53 30.03
CA SER A 169 -13.22 8.57 30.97
C SER A 169 -14.38 9.33 31.65
N GLN A 170 -15.59 9.26 31.06
CA GLN A 170 -16.82 9.83 31.60
C GLN A 170 -18.02 9.12 31.00
N GLY A 171 -19.18 9.25 31.63
CA GLY A 171 -20.44 8.63 31.22
C GLY A 171 -20.80 8.95 29.79
N ILE A 172 -21.04 7.89 28.98
CA ILE A 172 -21.38 8.04 27.56
C ILE A 172 -22.63 7.23 27.19
N TYR A 173 -23.47 6.88 28.21
CA TYR A 173 -24.73 6.13 28.07
C TYR A 173 -24.47 4.79 27.38
N ASN A 174 -25.11 4.52 26.22
CA ASN A 174 -24.89 3.28 25.47
C ASN A 174 -24.14 3.54 24.13
N TYR A 175 -23.44 4.68 23.99
CA TYR A 175 -22.78 5.09 22.73
C TYR A 175 -21.41 4.43 22.48
N VAL A 176 -21.32 3.10 22.66
CA VAL A 176 -20.10 2.32 22.46
C VAL A 176 -20.33 1.28 21.38
N HIS A 177 -19.36 1.14 20.47
CA HIS A 177 -19.44 0.16 19.38
C HIS A 177 -18.14 -0.65 19.36
N TRP A 178 -18.25 -1.94 18.99
CA TRP A 178 -17.11 -2.85 18.96
C TRP A 178 -16.74 -3.26 17.55
N PHE A 179 -15.43 -3.26 17.26
CA PHE A 179 -14.89 -3.63 15.96
C PHE A 179 -13.84 -4.69 16.07
N GLN A 180 -13.87 -5.63 15.09
CA GLN A 180 -12.83 -6.61 14.94
C GLN A 180 -11.97 -6.10 13.77
N GLN A 181 -10.66 -6.21 13.91
CA GLN A 181 -9.76 -5.92 12.81
C GLN A 181 -8.71 -7.02 12.68
N LYS A 182 -8.80 -7.79 11.59
CA LYS A 182 -7.86 -8.85 11.28
C LYS A 182 -6.76 -8.31 10.38
N SER A 183 -5.56 -8.92 10.42
CA SER A 183 -4.40 -8.54 9.61
C SER A 183 -4.77 -8.41 8.14
N HIS A 184 -4.35 -7.28 7.50
CA HIS A 184 -4.57 -6.96 6.09
C HIS A 184 -6.06 -6.80 5.73
N GLU A 185 -6.93 -6.56 6.73
CA GLU A 185 -8.36 -6.38 6.51
C GLU A 185 -8.87 -5.07 7.12
N SER A 186 -10.06 -4.65 6.68
CA SER A 186 -10.67 -3.44 7.17
C SER A 186 -11.43 -3.73 8.48
N PRO A 187 -11.63 -2.75 9.40
CA PRO A 187 -12.43 -3.05 10.61
C PRO A 187 -13.83 -3.54 10.28
N ARG A 188 -14.36 -4.43 11.13
CA ARG A 188 -15.67 -5.03 10.99
C ARG A 188 -16.50 -4.76 12.25
N LEU A 189 -17.67 -4.17 12.07
CA LEU A 189 -18.61 -3.86 13.17
C LEU A 189 -19.19 -5.16 13.75
N LEU A 190 -19.02 -5.38 15.06
CA LEU A 190 -19.51 -6.57 15.74
C LEU A 190 -20.75 -6.29 16.57
N ILE A 191 -20.72 -5.19 17.35
CA ILE A 191 -21.78 -4.79 18.26
C ILE A 191 -21.94 -3.29 18.16
N LYS A 192 -23.19 -2.79 18.16
CA LYS A 192 -23.40 -1.35 18.18
C LYS A 192 -24.22 -0.96 19.41
N TYR A 193 -24.03 0.28 19.89
CA TYR A 193 -24.74 0.82 21.04
C TYR A 193 -24.74 -0.16 22.24
N ALA A 194 -23.50 -0.57 22.64
CA ALA A 194 -23.12 -1.45 23.75
C ALA A 194 -23.57 -2.91 23.64
N SER A 195 -24.80 -3.18 23.19
CA SER A 195 -25.34 -4.54 23.21
C SER A 195 -26.14 -4.98 22.00
N GLN A 196 -26.36 -4.08 21.01
CA GLN A 196 -27.16 -4.45 19.85
C GLN A 196 -26.39 -5.32 18.84
N SER A 197 -27.00 -6.44 18.47
CA SER A 197 -26.42 -7.41 17.53
C SER A 197 -26.46 -6.92 16.08
N ILE A 198 -25.47 -7.36 15.28
CA ILE A 198 -25.30 -6.95 13.88
C ILE A 198 -25.56 -8.14 12.97
N SER A 199 -26.34 -7.94 11.89
CA SER A 199 -26.65 -8.99 10.90
C SER A 199 -25.41 -9.66 10.36
N GLY A 200 -25.42 -10.99 10.35
CA GLY A 200 -24.30 -11.79 9.86
C GLY A 200 -23.19 -12.06 10.86
N ILE A 201 -23.18 -11.32 11.99
CA ILE A 201 -22.16 -11.54 13.03
C ILE A 201 -22.51 -12.79 13.84
N PRO A 202 -21.56 -13.75 14.01
CA PRO A 202 -21.88 -14.97 14.79
C PRO A 202 -22.34 -14.68 16.22
N SER A 203 -23.29 -15.50 16.71
CA SER A 203 -23.92 -15.40 18.04
C SER A 203 -22.95 -15.43 19.24
N ARG A 204 -21.72 -15.99 19.07
CA ARG A 204 -20.71 -16.01 20.14
C ARG A 204 -20.28 -14.60 20.60
N PHE A 205 -20.46 -13.56 19.74
CA PHE A 205 -20.16 -12.19 20.10
C PHE A 205 -21.37 -11.54 20.74
N SER A 206 -21.18 -10.92 21.90
CA SER A 206 -22.25 -10.16 22.60
C SER A 206 -21.61 -9.04 23.39
N GLY A 207 -22.39 -8.02 23.66
CA GLY A 207 -21.92 -6.86 24.40
C GLY A 207 -22.84 -6.47 25.53
N SER A 208 -22.28 -5.82 26.56
CA SER A 208 -23.05 -5.32 27.70
C SER A 208 -22.40 -4.10 28.29
N GLY A 209 -23.15 -3.39 29.11
CA GLY A 209 -22.68 -2.20 29.81
C GLY A 209 -23.40 -0.95 29.42
N SER A 210 -23.23 0.09 30.25
CA SER A 210 -23.82 1.42 30.09
C SER A 210 -23.03 2.36 30.99
N GLY A 211 -22.97 3.62 30.62
CA GLY A 211 -22.27 4.63 31.39
C GLY A 211 -20.79 4.68 31.08
N THR A 212 -19.97 3.98 31.88
CA THR A 212 -18.51 3.98 31.72
C THR A 212 -17.88 2.60 31.54
N ASP A 213 -18.52 1.48 31.95
CA ASP A 213 -17.93 0.14 31.84
C ASP A 213 -18.63 -0.72 30.80
N PHE A 214 -17.89 -1.09 29.75
CA PHE A 214 -18.41 -1.87 28.62
C PHE A 214 -17.65 -3.14 28.42
N THR A 215 -18.37 -4.20 28.08
CA THR A 215 -17.74 -5.50 27.86
C THR A 215 -18.17 -6.15 26.55
N LEU A 216 -17.20 -6.71 25.82
CA LEU A 216 -17.43 -7.53 24.65
C LEU A 216 -17.11 -8.96 25.09
N SER A 217 -18.06 -9.88 24.95
CA SER A 217 -17.80 -11.28 25.31
C SER A 217 -17.76 -12.15 24.05
N ILE A 218 -16.87 -13.13 24.02
CA ILE A 218 -16.79 -14.10 22.92
C ILE A 218 -17.02 -15.46 23.61
N ASN A 219 -18.21 -16.06 23.41
CA ASN A 219 -18.63 -17.28 24.13
C ASN A 219 -17.66 -18.43 24.04
N SER A 220 -17.09 -18.65 22.87
CA SER A 220 -16.04 -19.64 22.69
C SER A 220 -15.21 -19.11 21.54
N VAL A 221 -13.95 -18.76 21.84
CA VAL A 221 -13.01 -18.20 20.85
C VAL A 221 -12.79 -19.24 19.75
N GLU A 222 -12.90 -18.80 18.49
CA GLU A 222 -12.59 -19.66 17.35
C GLU A 222 -11.24 -19.23 16.76
N SER A 223 -10.57 -20.08 15.99
CA SER A 223 -9.28 -19.75 15.33
C SER A 223 -9.41 -18.51 14.42
N GLU A 224 -10.57 -18.35 13.76
CA GLU A 224 -10.85 -17.19 12.90
C GLU A 224 -11.05 -15.87 13.70
N ASP A 225 -11.12 -15.92 15.03
CA ASP A 225 -11.31 -14.72 15.87
C ASP A 225 -10.01 -13.98 16.24
N PHE A 226 -8.84 -14.61 16.06
CA PHE A 226 -7.57 -13.94 16.39
C PHE A 226 -7.36 -12.64 15.57
N GLY A 227 -7.01 -11.56 16.25
CA GLY A 227 -6.86 -10.24 15.67
C GLY A 227 -7.01 -9.16 16.73
N MET A 228 -7.23 -7.91 16.30
CA MET A 228 -7.39 -6.76 17.19
C MET A 228 -8.85 -6.42 17.38
N TYR A 229 -9.22 -6.03 18.60
CA TYR A 229 -10.58 -5.62 18.94
C TYR A 229 -10.54 -4.22 19.49
N PHE A 230 -11.31 -3.32 18.88
CA PHE A 230 -11.35 -1.92 19.28
C PHE A 230 -12.74 -1.54 19.71
N CYS A 231 -12.84 -0.71 20.76
CA CYS A 231 -14.10 -0.09 21.12
C CYS A 231 -14.03 1.36 20.58
N GLN A 232 -15.17 1.99 20.41
CA GLN A 232 -15.31 3.34 19.83
C GLN A 232 -16.49 4.01 20.51
N GLN A 233 -16.38 5.30 20.81
CA GLN A 233 -17.52 6.05 21.37
C GLN A 233 -17.96 7.07 20.35
N THR A 234 -19.28 7.29 20.27
CA THR A 234 -19.85 8.27 19.33
C THR A 234 -20.80 9.23 20.04
N ASN A 235 -20.61 9.46 21.35
CA ASN A 235 -21.48 10.38 22.12
C ASN A 235 -20.99 11.83 22.01
N LYS A 236 -19.66 12.03 21.98
CA LYS A 236 -19.06 13.38 21.95
C LYS A 236 -18.03 13.53 20.86
N TRP A 237 -17.84 14.77 20.38
CA TRP A 237 -16.83 15.13 19.38
C TRP A 237 -15.47 15.34 20.11
N PRO A 238 -14.33 14.88 19.57
CA PRO A 238 -14.21 14.02 18.38
C PRO A 238 -14.60 12.58 18.75
N LEU A 239 -15.00 11.77 17.76
CA LEU A 239 -15.28 10.36 18.02
C LEU A 239 -13.90 9.75 18.33
N THR A 240 -13.83 8.81 19.27
CA THR A 240 -12.53 8.24 19.68
C THR A 240 -12.60 6.74 19.75
N PHE A 241 -11.43 6.09 19.71
CA PHE A 241 -11.26 4.65 19.80
C PHE A 241 -10.39 4.33 21.03
N GLY A 242 -10.53 3.11 21.55
CA GLY A 242 -9.63 2.60 22.58
C GLY A 242 -8.34 2.20 21.85
N ALA A 243 -7.29 1.80 22.59
CA ALA A 243 -6.01 1.41 21.98
C ALA A 243 -6.02 -0.05 21.46
N GLY A 244 -7.11 -0.77 21.75
CA GLY A 244 -7.27 -2.15 21.29
C GLY A 244 -6.78 -3.24 22.23
N THR A 245 -7.41 -4.40 22.12
CA THR A 245 -7.05 -5.66 22.80
C THR A 245 -6.65 -6.64 21.68
N LYS A 246 -5.44 -7.19 21.79
CA LYS A 246 -4.95 -8.18 20.84
C LYS A 246 -5.42 -9.57 21.33
N LEU A 247 -6.20 -10.30 20.52
CA LEU A 247 -6.65 -11.65 20.86
C LEU A 247 -5.76 -12.56 20.04
N GLU A 248 -4.93 -13.36 20.73
CA GLU A 248 -3.93 -14.20 20.03
C GLU A 248 -3.87 -15.62 20.56
N LEU A 249 -3.41 -16.53 19.70
CA LEU A 249 -3.27 -17.95 20.00
C LEU A 249 -2.16 -18.14 21.05
N LYS A 250 -2.49 -18.83 22.15
CA LYS A 250 -1.56 -19.17 23.23
C LYS A 250 -0.48 -20.10 22.63
N ALA A 251 0.82 -19.73 22.80
CA ALA A 251 1.99 -20.44 22.29
C ALA A 251 2.04 -21.93 22.65
N GLU B 4 0.26 -19.15 -18.70
CA GLU B 4 0.20 -17.82 -18.10
C GLU B 4 1.04 -17.70 -16.82
N VAL B 5 2.15 -16.99 -16.95
CA VAL B 5 3.09 -16.71 -15.85
C VAL B 5 2.52 -15.61 -14.96
N GLN B 6 2.65 -15.78 -13.65
CA GLN B 6 2.22 -14.75 -12.71
C GLN B 6 3.12 -14.74 -11.49
N LEU B 7 3.44 -13.51 -11.02
CA LEU B 7 4.18 -13.29 -9.78
C LEU B 7 3.17 -12.56 -8.90
N GLN B 8 2.79 -13.17 -7.78
CA GLN B 8 1.79 -12.60 -6.88
C GLN B 8 2.45 -12.23 -5.57
N GLN B 9 2.41 -10.95 -5.24
CA GLN B 9 3.03 -10.45 -4.02
C GLN B 9 2.04 -10.39 -2.88
N SER B 10 2.55 -10.54 -1.64
CA SER B 10 1.75 -10.44 -0.43
C SER B 10 1.20 -8.99 -0.28
N GLY B 11 0.15 -8.85 0.53
CA GLY B 11 -0.58 -7.62 0.71
C GLY B 11 0.13 -6.47 1.40
N PRO B 12 -0.56 -5.31 1.51
CA PRO B 12 0.07 -4.13 2.16
C PRO B 12 0.47 -4.37 3.61
N GLU B 13 1.59 -3.78 4.00
CA GLU B 13 2.13 -3.93 5.35
C GLU B 13 2.27 -2.60 6.03
N LEU B 14 2.11 -2.60 7.35
CA LEU B 14 2.26 -1.42 8.19
C LEU B 14 2.91 -1.88 9.48
N VAL B 15 4.11 -1.37 9.76
CA VAL B 15 4.90 -1.80 10.92
C VAL B 15 5.42 -0.64 11.76
N LYS B 16 5.95 -0.98 12.93
CA LYS B 16 6.54 -0.06 13.91
C LYS B 16 8.03 0.16 13.53
N PRO B 17 8.64 1.34 13.81
CA PRO B 17 10.09 1.47 13.58
C PRO B 17 10.89 0.49 14.43
N GLY B 18 11.95 -0.08 13.83
CA GLY B 18 12.80 -1.09 14.47
C GLY B 18 12.36 -2.51 14.19
N ALA B 19 11.14 -2.70 13.64
CA ALA B 19 10.62 -4.04 13.36
C ALA B 19 11.32 -4.72 12.19
N SER B 20 11.17 -6.05 12.12
CA SER B 20 11.62 -6.88 11.03
C SER B 20 10.35 -7.22 10.22
N LEU B 21 10.50 -7.49 8.92
CA LEU B 21 9.35 -7.81 8.08
C LEU B 21 9.79 -8.69 6.93
N LYS B 22 9.04 -9.77 6.69
CA LYS B 22 9.29 -10.66 5.57
C LYS B 22 8.13 -10.53 4.60
N ILE B 23 8.41 -10.22 3.33
CA ILE B 23 7.36 -10.09 2.32
C ILE B 23 7.64 -11.14 1.26
N SER B 24 6.59 -11.59 0.57
CA SER B 24 6.72 -12.71 -0.35
C SER B 24 6.27 -12.44 -1.77
N CYS B 25 6.74 -13.30 -2.65
CA CYS B 25 6.48 -13.29 -4.07
C CYS B 25 6.23 -14.73 -4.56
N LYS B 26 4.95 -15.14 -4.74
CA LYS B 26 4.64 -16.51 -5.19
C LYS B 26 4.42 -16.60 -6.69
N THR B 27 5.03 -17.58 -7.32
CA THR B 27 4.91 -17.76 -8.77
C THR B 27 3.90 -18.84 -9.15
N SER B 28 3.41 -18.76 -10.39
CA SER B 28 2.55 -19.76 -11.02
C SER B 28 2.76 -19.76 -12.53
N GLY B 29 2.46 -20.89 -13.17
CA GLY B 29 2.53 -21.03 -14.62
C GLY B 29 3.89 -21.35 -15.22
N TYR B 30 4.95 -21.54 -14.42
CA TYR B 30 6.27 -21.91 -14.93
C TYR B 30 7.12 -22.54 -13.82
N THR B 31 8.29 -23.09 -14.17
CA THR B 31 9.19 -23.74 -13.20
C THR B 31 9.96 -22.67 -12.42
N PHE B 32 9.61 -22.52 -11.13
CA PHE B 32 10.16 -21.53 -10.19
C PHE B 32 11.71 -21.41 -10.21
N THR B 33 12.42 -22.52 -10.28
CA THR B 33 13.90 -22.54 -10.27
C THR B 33 14.56 -22.07 -11.58
N ASP B 34 13.78 -21.75 -12.63
CA ASP B 34 14.33 -21.34 -13.91
C ASP B 34 15.13 -20.03 -13.93
N PHE B 35 14.60 -18.99 -13.28
CA PHE B 35 15.16 -17.66 -13.40
C PHE B 35 15.44 -16.97 -12.12
N THR B 36 16.47 -16.09 -12.13
CA THR B 36 16.79 -15.27 -10.95
C THR B 36 15.62 -14.37 -10.58
N PHE B 37 15.47 -14.11 -9.28
CA PHE B 37 14.46 -13.22 -8.74
C PHE B 37 15.13 -11.93 -8.29
N HIS B 38 14.48 -10.80 -8.57
CA HIS B 38 15.01 -9.48 -8.25
C HIS B 38 13.99 -8.70 -7.45
N TRP B 39 14.50 -7.87 -6.51
CA TRP B 39 13.67 -6.97 -5.71
C TRP B 39 14.06 -5.54 -6.03
N VAL B 40 13.04 -4.71 -6.25
CA VAL B 40 13.18 -3.31 -6.67
C VAL B 40 12.35 -2.43 -5.73
N LYS B 41 12.98 -1.32 -5.28
CA LYS B 41 12.35 -0.35 -4.40
C LYS B 41 11.87 0.85 -5.21
N LEU B 42 10.56 1.17 -5.09
CA LEU B 42 10.00 2.36 -5.71
C LEU B 42 9.85 3.45 -4.64
N SER B 43 10.47 4.63 -4.89
CA SER B 43 10.42 5.83 -4.05
C SER B 43 9.87 7.00 -4.87
N HIS B 44 9.72 8.23 -4.28
CA HIS B 44 9.12 9.35 -5.02
C HIS B 44 9.89 9.74 -6.29
N GLY B 45 9.16 10.25 -7.26
CA GLY B 45 9.65 10.67 -8.57
C GLY B 45 8.64 10.31 -9.65
N PRO B 46 8.31 9.02 -9.87
CA PRO B 46 8.84 7.81 -9.23
C PRO B 46 10.30 7.53 -9.56
N SER B 47 10.99 6.85 -8.62
CA SER B 47 12.39 6.45 -8.73
C SER B 47 12.47 4.96 -8.43
N LEU B 48 13.29 4.24 -9.19
CA LEU B 48 13.49 2.79 -9.01
C LEU B 48 14.92 2.50 -8.58
N GLU B 49 15.09 1.61 -7.60
CA GLU B 49 16.41 1.16 -7.13
C GLU B 49 16.39 -0.37 -7.08
N TRP B 50 17.49 -1.00 -7.50
CA TRP B 50 17.63 -2.44 -7.47
C TRP B 50 18.25 -2.80 -6.12
N ILE B 51 17.61 -3.72 -5.38
CA ILE B 51 18.08 -4.13 -4.05
C ILE B 51 19.06 -5.30 -4.15
N GLY B 52 18.69 -6.29 -4.96
CA GLY B 52 19.48 -7.49 -5.12
C GLY B 52 18.75 -8.58 -5.88
N THR B 53 19.45 -9.69 -6.06
CA THR B 53 18.97 -10.86 -6.78
C THR B 53 19.33 -12.17 -6.07
N ILE B 54 18.47 -13.19 -6.25
CA ILE B 54 18.71 -14.56 -5.77
C ILE B 54 18.46 -15.53 -6.95
N LYS B 55 19.35 -16.50 -7.12
CA LYS B 55 19.23 -17.56 -8.12
C LYS B 55 18.51 -18.71 -7.39
N PRO B 56 17.23 -18.99 -7.72
CA PRO B 56 16.47 -20.01 -6.98
C PRO B 56 17.00 -21.45 -7.07
N SER B 57 17.66 -21.80 -8.17
CA SER B 57 18.18 -23.16 -8.37
C SER B 57 19.27 -23.54 -7.36
N ASN B 58 20.15 -22.59 -6.99
CA ASN B 58 21.27 -22.88 -6.08
C ASN B 58 21.42 -21.92 -4.87
N GLY B 59 20.56 -20.90 -4.76
CA GLY B 59 20.58 -19.96 -3.65
C GLY B 59 21.62 -18.86 -3.70
N ASP B 60 22.41 -18.75 -4.80
CA ASP B 60 23.42 -17.69 -4.95
C ASP B 60 22.74 -16.32 -4.95
N THR B 61 23.38 -15.33 -4.30
CA THR B 61 22.86 -13.97 -4.20
C THR B 61 23.91 -12.94 -4.63
N ALA B 62 23.41 -11.76 -5.01
CA ALA B 62 24.21 -10.59 -5.33
C ALA B 62 23.36 -9.41 -4.84
N TYR B 63 23.94 -8.58 -3.96
CA TYR B 63 23.21 -7.46 -3.37
C TYR B 63 23.76 -6.13 -3.83
N ASN B 64 22.89 -5.11 -3.85
CA ASN B 64 23.30 -3.73 -4.00
C ASN B 64 23.87 -3.42 -2.59
N GLN B 65 25.16 -3.03 -2.48
CA GLN B 65 25.83 -2.73 -1.21
C GLN B 65 25.04 -1.73 -0.32
N LYS B 66 24.24 -0.84 -0.92
CA LYS B 66 23.40 0.10 -0.18
C LYS B 66 22.35 -0.63 0.70
N PHE B 67 21.94 -1.84 0.29
CA PHE B 67 20.91 -2.61 0.99
C PHE B 67 21.42 -3.84 1.74
N LYS B 68 22.73 -4.13 1.68
CA LYS B 68 23.35 -5.30 2.34
C LYS B 68 23.06 -5.40 3.85
N GLY B 69 23.07 -4.28 4.57
CA GLY B 69 22.79 -4.36 6.00
C GLY B 69 21.32 -4.23 6.36
N LYS B 70 20.43 -4.26 5.35
CA LYS B 70 19.00 -4.00 5.48
C LYS B 70 18.12 -5.18 5.05
N ALA B 71 18.44 -5.80 3.95
CA ALA B 71 17.61 -6.85 3.36
C ALA B 71 18.31 -8.16 3.15
N THR B 72 17.55 -9.26 3.30
CA THR B 72 18.02 -10.62 3.05
C THR B 72 17.04 -11.26 2.09
N LEU B 73 17.58 -11.81 0.99
CA LEU B 73 16.81 -12.52 -0.02
C LEU B 73 16.89 -14.01 0.27
N SER B 74 15.76 -14.71 0.07
CA SER B 74 15.65 -16.16 0.24
C SER B 74 14.58 -16.70 -0.69
N VAL B 75 14.58 -18.02 -0.87
CA VAL B 75 13.56 -18.72 -1.66
C VAL B 75 13.06 -19.92 -0.83
N ASP B 76 11.79 -20.26 -1.04
CA ASP B 76 11.17 -21.45 -0.47
C ASP B 76 10.79 -22.26 -1.71
N LYS B 77 11.65 -23.18 -2.12
CA LYS B 77 11.43 -24.00 -3.30
C LYS B 77 10.18 -24.88 -3.19
N SER B 78 9.89 -25.38 -1.97
CA SER B 78 8.71 -26.22 -1.72
C SER B 78 7.39 -25.45 -1.98
N ALA B 79 7.38 -24.13 -1.74
CA ALA B 79 6.21 -23.27 -1.94
C ALA B 79 6.29 -22.44 -3.22
N SER B 80 7.38 -22.57 -4.03
CA SER B 80 7.61 -21.76 -5.25
C SER B 80 7.40 -20.27 -4.89
N THR B 81 8.03 -19.84 -3.81
CA THR B 81 7.92 -18.49 -3.26
C THR B 81 9.28 -17.89 -2.97
N ALA B 82 9.48 -16.65 -3.40
CA ALA B 82 10.69 -15.85 -3.14
C ALA B 82 10.33 -14.90 -2.02
N HIS B 83 11.30 -14.63 -1.13
CA HIS B 83 11.09 -13.74 0.00
C HIS B 83 12.18 -12.69 0.12
N ILE B 84 11.82 -11.58 0.72
CA ILE B 84 12.73 -10.52 1.12
C ILE B 84 12.40 -10.20 2.59
N GLU B 85 13.44 -10.20 3.43
CA GLU B 85 13.26 -9.85 4.83
C GLU B 85 14.05 -8.60 5.15
N PHE B 86 13.38 -7.62 5.73
CA PHE B 86 13.96 -6.35 6.14
C PHE B 86 14.17 -6.36 7.65
N ARG B 87 15.25 -5.72 8.11
CA ARG B 87 15.51 -5.61 9.54
C ARG B 87 15.71 -4.14 9.91
N SER B 88 15.45 -3.76 11.20
CA SER B 88 15.65 -2.40 11.73
C SER B 88 14.97 -1.33 10.86
N LEU B 89 13.71 -1.58 10.51
CA LEU B 89 12.94 -0.71 9.63
C LEU B 89 12.79 0.70 10.15
N THR B 90 12.95 1.68 9.27
CA THR B 90 12.80 3.10 9.61
C THR B 90 11.89 3.74 8.57
N SER B 91 11.49 5.01 8.80
CA SER B 91 10.68 5.81 7.89
C SER B 91 11.24 5.80 6.46
N GLU B 92 12.59 5.75 6.32
CA GLU B 92 13.31 5.73 5.04
C GLU B 92 13.02 4.46 4.21
N ASP B 93 12.54 3.39 4.88
CA ASP B 93 12.18 2.14 4.24
C ASP B 93 10.72 2.10 3.74
N SER B 94 9.87 3.09 4.10
CA SER B 94 8.48 3.12 3.59
C SER B 94 8.57 3.30 2.08
N ALA B 95 8.04 2.33 1.33
CA ALA B 95 8.11 2.33 -0.13
C ALA B 95 7.25 1.21 -0.69
N VAL B 96 7.13 1.17 -2.04
CA VAL B 96 6.49 0.06 -2.72
C VAL B 96 7.67 -0.84 -3.17
N TYR B 97 7.60 -2.15 -2.87
CA TYR B 97 8.64 -3.11 -3.24
C TYR B 97 8.08 -4.06 -4.28
N PHE B 98 8.80 -4.21 -5.40
CA PHE B 98 8.41 -5.13 -6.48
C PHE B 98 9.34 -6.32 -6.54
N CYS B 99 8.80 -7.50 -6.88
CA CYS B 99 9.62 -8.66 -7.19
C CYS B 99 9.49 -8.79 -8.72
N ALA B 100 10.49 -9.36 -9.37
CA ALA B 100 10.50 -9.59 -10.80
C ALA B 100 11.36 -10.79 -11.09
N ARG B 101 11.07 -11.49 -12.17
CA ARG B 101 11.93 -12.60 -12.58
C ARG B 101 12.74 -12.07 -13.76
N PHE B 102 13.89 -12.65 -14.01
CA PHE B 102 14.76 -12.29 -15.12
C PHE B 102 14.75 -13.50 -16.08
N GLY B 103 13.73 -13.55 -16.93
CA GLY B 103 13.55 -14.69 -17.84
C GLY B 103 13.02 -14.38 -19.22
N GLY B 104 12.25 -15.34 -19.74
CA GLY B 104 11.69 -15.29 -21.08
C GLY B 104 12.58 -16.02 -22.05
N SER B 105 12.51 -15.68 -23.33
CA SER B 105 13.39 -16.27 -24.37
C SER B 105 14.80 -15.72 -24.15
N TYR B 106 15.84 -16.53 -24.44
CA TYR B 106 17.23 -16.09 -24.32
C TYR B 106 17.53 -14.95 -25.32
N PRO B 107 18.27 -13.88 -24.94
CA PRO B 107 18.83 -13.55 -23.61
C PRO B 107 17.74 -12.98 -22.69
N TYR B 108 17.75 -13.41 -21.43
CA TYR B 108 16.74 -13.05 -20.41
C TYR B 108 16.72 -11.57 -20.02
N ALA B 109 15.57 -11.10 -19.53
CA ALA B 109 15.39 -9.73 -19.05
C ALA B 109 14.24 -9.72 -18.01
N MET B 110 14.01 -8.59 -17.30
CA MET B 110 12.95 -8.50 -16.29
C MET B 110 11.61 -8.42 -16.99
N ASP B 111 11.09 -9.59 -17.38
CA ASP B 111 9.88 -9.70 -18.21
C ASP B 111 8.55 -9.77 -17.42
N TYR B 112 8.52 -10.42 -16.25
CA TYR B 112 7.32 -10.53 -15.41
C TYR B 112 7.61 -9.96 -14.06
N TRP B 113 6.67 -9.16 -13.56
CA TRP B 113 6.79 -8.46 -12.30
C TRP B 113 5.58 -8.75 -11.43
N GLY B 114 5.78 -8.70 -10.12
CA GLY B 114 4.68 -8.78 -9.18
C GLY B 114 3.94 -7.44 -9.21
N GLN B 115 2.78 -7.35 -8.57
CA GLN B 115 1.95 -6.12 -8.54
C GLN B 115 2.51 -5.06 -7.57
N GLY B 116 3.47 -5.45 -6.74
CA GLY B 116 4.06 -4.56 -5.75
C GLY B 116 3.44 -4.67 -4.38
N THR B 117 4.25 -4.42 -3.33
CA THR B 117 3.80 -4.42 -1.94
C THR B 117 4.15 -3.08 -1.33
N SER B 118 3.13 -2.38 -0.79
CA SER B 118 3.32 -1.12 -0.08
C SER B 118 3.71 -1.46 1.33
N VAL B 119 4.87 -0.95 1.77
CA VAL B 119 5.37 -1.15 3.11
C VAL B 119 5.39 0.23 3.77
N ILE B 120 4.66 0.38 4.89
CA ILE B 120 4.64 1.62 5.65
C ILE B 120 5.33 1.37 6.96
N VAL B 121 6.35 2.18 7.26
CA VAL B 121 6.99 2.11 8.58
C VAL B 121 6.37 3.32 9.27
N SER B 122 5.39 3.06 10.13
CA SER B 122 4.56 4.07 10.77
C SER B 122 5.27 4.92 11.85
N SER B 123 5.04 6.24 11.83
CA SER B 123 5.56 7.20 12.82
C SER B 123 4.70 7.21 14.13
N GLY B 124 3.63 6.43 14.14
CA GLY B 124 2.72 6.35 15.29
C GLY B 124 1.64 7.41 15.31
N THR B 125 1.00 7.60 16.48
CA THR B 125 -0.09 8.58 16.69
C THR B 125 0.43 9.96 17.11
N GLY B 141 28.88 2.69 -3.11
CA GLY B 141 29.28 2.20 -4.44
C GLY B 141 29.92 3.28 -5.30
N ALA B 142 31.26 3.42 -5.18
CA ALA B 142 32.10 4.37 -5.91
C ALA B 142 32.09 4.20 -7.44
N SER B 143 32.03 2.94 -7.95
CA SER B 143 32.06 2.68 -9.39
C SER B 143 30.73 2.22 -10.02
N ASP B 144 29.57 2.44 -9.36
CA ASP B 144 28.26 2.03 -9.92
C ASP B 144 27.97 2.74 -11.25
N ILE B 145 27.43 2.02 -12.24
CA ILE B 145 27.08 2.62 -13.53
C ILE B 145 25.96 3.63 -13.33
N VAL B 146 26.17 4.87 -13.79
CA VAL B 146 25.17 5.94 -13.73
C VAL B 146 24.53 6.01 -15.11
N LEU B 147 23.20 6.01 -15.14
CA LEU B 147 22.42 6.15 -16.38
C LEU B 147 21.74 7.53 -16.36
N THR B 148 22.07 8.38 -17.35
CA THR B 148 21.50 9.73 -17.45
C THR B 148 20.40 9.76 -18.47
N GLN B 149 19.18 10.02 -18.02
CA GLN B 149 18.03 10.08 -18.90
C GLN B 149 17.64 11.52 -19.16
N SER B 150 17.39 11.83 -20.42
CA SER B 150 16.97 13.17 -20.81
C SER B 150 15.96 13.07 -21.96
N PRO B 151 14.97 14.02 -22.00
CA PRO B 151 14.73 15.08 -21.01
C PRO B 151 14.11 14.44 -19.77
N ALA B 152 14.14 15.09 -18.61
CA ALA B 152 13.51 14.49 -17.44
C ALA B 152 11.97 14.48 -17.58
N THR B 153 11.42 15.50 -18.26
CA THR B 153 9.99 15.64 -18.54
C THR B 153 9.84 16.01 -20.01
N LEU B 154 8.92 15.32 -20.71
CA LEU B 154 8.62 15.55 -22.12
C LEU B 154 7.11 15.72 -22.32
N SER B 155 6.68 16.98 -22.56
CA SER B 155 5.28 17.35 -22.80
C SER B 155 5.01 17.26 -24.29
N VAL B 156 4.11 16.35 -24.70
CA VAL B 156 3.80 16.14 -26.11
C VAL B 156 2.29 16.05 -26.38
N THR B 157 1.93 16.15 -27.68
CA THR B 157 0.58 16.04 -28.23
C THR B 157 0.53 14.68 -28.95
N PRO B 158 -0.56 13.87 -28.81
CA PRO B 158 -0.61 12.58 -29.53
C PRO B 158 -0.40 12.77 -31.03
N GLY B 159 0.44 11.92 -31.60
CA GLY B 159 0.81 12.02 -33.00
C GLY B 159 2.26 12.45 -33.17
N ASP B 160 2.86 13.08 -32.12
CA ASP B 160 4.26 13.53 -32.13
C ASP B 160 5.26 12.37 -32.13
N ARG B 161 6.38 12.55 -32.85
CA ARG B 161 7.47 11.58 -32.92
C ARG B 161 8.42 11.94 -31.78
N VAL B 162 8.74 10.98 -30.89
CA VAL B 162 9.62 11.31 -29.76
C VAL B 162 10.82 10.34 -29.64
N SER B 163 11.91 10.84 -29.05
CA SER B 163 13.14 10.09 -28.81
C SER B 163 13.57 10.37 -27.39
N LEU B 164 13.78 9.30 -26.65
CA LEU B 164 14.20 9.38 -25.24
C LEU B 164 15.62 8.88 -25.14
N SER B 165 16.49 9.69 -24.52
CA SER B 165 17.91 9.35 -24.39
C SER B 165 18.31 8.72 -23.05
N CYS B 166 19.21 7.73 -23.08
CA CYS B 166 19.80 7.07 -21.91
C CYS B 166 21.33 7.03 -22.16
N ARG B 167 22.09 7.76 -21.35
CA ARG B 167 23.56 7.79 -21.46
C ARG B 167 24.20 7.08 -20.31
N ALA B 168 25.06 6.10 -20.59
CA ALA B 168 25.74 5.34 -19.54
C ALA B 168 27.09 5.98 -19.17
N SER B 169 27.48 5.92 -17.88
CA SER B 169 28.73 6.52 -17.37
C SER B 169 30.00 5.88 -17.97
N GLN B 170 29.87 4.66 -18.52
CA GLN B 170 30.93 3.93 -19.23
C GLN B 170 30.27 2.87 -20.12
N GLY B 171 31.04 2.37 -21.08
CA GLY B 171 30.60 1.37 -22.06
C GLY B 171 30.00 0.14 -21.44
N ILE B 172 28.77 -0.19 -21.86
CA ILE B 172 28.02 -1.35 -21.33
C ILE B 172 27.48 -2.25 -22.46
N TYR B 173 28.08 -2.14 -23.67
CA TYR B 173 27.72 -2.91 -24.88
C TYR B 173 26.25 -2.72 -25.22
N ASN B 174 25.45 -3.80 -25.26
CA ASN B 174 24.01 -3.70 -25.55
C ASN B 174 23.16 -4.05 -24.30
N TYR B 175 23.72 -3.96 -23.08
CA TYR B 175 23.05 -4.37 -21.83
C TYR B 175 22.08 -3.33 -21.26
N VAL B 176 21.24 -2.73 -22.10
CA VAL B 176 20.26 -1.72 -21.72
C VAL B 176 18.85 -2.22 -22.02
N HIS B 177 17.93 -2.02 -21.09
CA HIS B 177 16.53 -2.43 -21.24
C HIS B 177 15.63 -1.25 -20.92
N TRP B 178 14.50 -1.16 -21.62
CA TRP B 178 13.56 -0.05 -21.45
C TRP B 178 12.24 -0.50 -20.82
N PHE B 179 11.76 0.28 -19.87
CA PHE B 179 10.51 0.00 -19.16
C PHE B 179 9.57 1.15 -19.20
N GLN B 180 8.27 0.83 -19.28
CA GLN B 180 7.20 1.81 -19.17
C GLN B 180 6.55 1.58 -17.82
N GLN B 181 6.30 2.67 -17.07
CA GLN B 181 5.58 2.55 -15.83
C GLN B 181 4.50 3.60 -15.77
N LYS B 182 3.28 3.12 -15.71
CA LYS B 182 2.09 3.96 -15.61
C LYS B 182 1.67 4.02 -14.15
N SER B 183 0.98 5.10 -13.76
CA SER B 183 0.49 5.33 -12.40
C SER B 183 -0.28 4.12 -11.88
N HIS B 184 0.04 3.68 -10.64
CA HIS B 184 -0.57 2.55 -9.92
C HIS B 184 -0.36 1.21 -10.63
N GLU B 185 0.66 1.11 -11.51
CA GLU B 185 0.95 -0.13 -12.23
C GLU B 185 2.43 -0.54 -12.03
N SER B 186 2.71 -1.81 -12.30
CA SER B 186 4.07 -2.33 -12.20
C SER B 186 4.84 -2.01 -13.50
N PRO B 187 6.20 -1.90 -13.47
CA PRO B 187 6.92 -1.61 -14.73
C PRO B 187 6.68 -2.68 -15.79
N ARG B 188 6.67 -2.26 -17.06
CA ARG B 188 6.44 -3.13 -18.22
C ARG B 188 7.64 -3.05 -19.17
N LEU B 189 8.24 -4.21 -19.46
CA LEU B 189 9.38 -4.34 -20.37
C LEU B 189 8.97 -4.00 -21.83
N LEU B 190 9.61 -3.01 -22.44
CA LEU B 190 9.33 -2.58 -23.81
C LEU B 190 10.36 -3.09 -24.80
N ILE B 191 11.66 -2.95 -24.44
CA ILE B 191 12.79 -3.29 -25.29
C ILE B 191 13.84 -3.94 -24.41
N LYS B 192 14.48 -5.01 -24.90
CA LYS B 192 15.59 -5.62 -24.15
C LYS B 192 16.85 -5.57 -24.98
N TYR B 193 18.02 -5.54 -24.31
CA TYR B 193 19.33 -5.53 -24.96
C TYR B 193 19.41 -4.50 -26.11
N ALA B 194 19.08 -3.23 -25.76
CA ALA B 194 19.08 -2.00 -26.58
C ALA B 194 18.06 -1.94 -27.70
N SER B 195 17.88 -3.03 -28.45
CA SER B 195 17.03 -2.98 -29.64
C SER B 195 16.09 -4.18 -29.88
N GLN B 196 16.15 -5.22 -29.02
CA GLN B 196 15.31 -6.41 -29.21
C GLN B 196 13.85 -6.16 -28.81
N SER B 197 12.94 -6.47 -29.73
CA SER B 197 11.50 -6.30 -29.56
C SER B 197 10.90 -7.35 -28.62
N ILE B 198 9.84 -6.96 -27.90
CA ILE B 198 9.14 -7.79 -26.92
C ILE B 198 7.74 -8.12 -27.45
N SER B 199 7.33 -9.40 -27.30
CA SER B 199 6.02 -9.88 -27.75
C SER B 199 4.90 -9.06 -27.15
N GLY B 200 3.96 -8.65 -28.00
CA GLY B 200 2.80 -7.87 -27.55
C GLY B 200 3.04 -6.37 -27.47
N ILE B 201 4.31 -5.93 -27.53
CA ILE B 201 4.62 -4.48 -27.46
C ILE B 201 4.32 -3.83 -28.84
N PRO B 202 3.51 -2.75 -28.89
CA PRO B 202 3.21 -2.12 -30.20
C PRO B 202 4.46 -1.68 -30.97
N SER B 203 4.39 -1.79 -32.32
CA SER B 203 5.46 -1.50 -33.28
C SER B 203 6.04 -0.07 -33.20
N ARG B 204 5.26 0.90 -32.67
CA ARG B 204 5.72 2.29 -32.51
C ARG B 204 6.94 2.43 -31.59
N PHE B 205 7.15 1.45 -30.68
CA PHE B 205 8.30 1.44 -29.78
C PHE B 205 9.47 0.73 -30.45
N SER B 206 10.64 1.36 -30.45
CA SER B 206 11.87 0.75 -30.95
C SER B 206 13.04 1.32 -30.19
N GLY B 207 14.12 0.56 -30.12
CA GLY B 207 15.33 0.99 -29.44
C GLY B 207 16.56 0.85 -30.30
N SER B 208 17.56 1.69 -30.03
CA SER B 208 18.83 1.66 -30.75
C SER B 208 19.96 2.13 -29.84
N GLY B 209 21.18 1.84 -30.26
CA GLY B 209 22.37 2.25 -29.55
C GLY B 209 23.20 1.09 -29.06
N SER B 210 24.45 1.38 -28.69
CA SER B 210 25.43 0.44 -28.15
C SER B 210 26.51 1.27 -27.48
N GLY B 211 27.17 0.68 -26.49
CA GLY B 211 28.24 1.35 -25.78
C GLY B 211 27.73 2.23 -24.66
N THR B 212 27.56 3.54 -24.94
CA THR B 212 27.13 4.52 -23.93
C THR B 212 25.88 5.31 -24.29
N ASP B 213 25.50 5.36 -25.58
CA ASP B 213 24.35 6.16 -26.02
C ASP B 213 23.19 5.30 -26.49
N PHE B 214 22.06 5.40 -25.79
CA PHE B 214 20.88 4.56 -26.06
C PHE B 214 19.64 5.39 -26.28
N THR B 215 18.82 4.98 -27.22
CA THR B 215 17.61 5.74 -27.54
C THR B 215 16.37 4.84 -27.62
N LEU B 216 15.28 5.31 -26.99
CA LEU B 216 13.98 4.69 -27.14
C LEU B 216 13.17 5.66 -28.03
N SER B 217 12.69 5.17 -29.18
CA SER B 217 11.88 6.00 -30.05
C SER B 217 10.42 5.57 -30.01
N ILE B 218 9.52 6.56 -29.99
CA ILE B 218 8.08 6.35 -30.10
C ILE B 218 7.69 7.06 -31.41
N ASN B 219 7.57 6.27 -32.50
CA ASN B 219 7.30 6.70 -33.88
C ASN B 219 6.20 7.77 -33.99
N SER B 220 5.11 7.57 -33.25
CA SER B 220 3.98 8.48 -33.13
C SER B 220 3.32 8.14 -31.78
N VAL B 221 3.42 9.07 -30.82
CA VAL B 221 2.90 8.92 -29.45
C VAL B 221 1.37 8.79 -29.43
N GLU B 222 0.84 7.85 -28.63
CA GLU B 222 -0.60 7.67 -28.42
C GLU B 222 -0.95 8.18 -27.02
N SER B 223 -2.23 8.48 -26.77
CA SER B 223 -2.72 8.94 -25.46
C SER B 223 -2.40 7.91 -24.36
N GLU B 224 -2.46 6.60 -24.67
CA GLU B 224 -2.14 5.52 -23.72
C GLU B 224 -0.64 5.42 -23.38
N ASP B 225 0.23 6.19 -24.07
CA ASP B 225 1.68 6.17 -23.82
C ASP B 225 2.15 7.06 -22.67
N PHE B 226 1.29 7.92 -22.14
CA PHE B 226 1.68 8.81 -21.05
C PHE B 226 2.02 8.02 -19.78
N GLY B 227 3.13 8.40 -19.16
CA GLY B 227 3.66 7.76 -17.96
C GLY B 227 5.16 7.90 -17.86
N MET B 228 5.82 7.04 -17.06
CA MET B 228 7.28 7.05 -16.88
C MET B 228 7.96 6.06 -17.78
N TYR B 229 9.15 6.44 -18.29
CA TYR B 229 9.99 5.56 -19.11
C TYR B 229 11.37 5.48 -18.45
N PHE B 230 11.76 4.27 -18.02
CA PHE B 230 13.06 4.03 -17.36
C PHE B 230 13.95 3.16 -18.21
N CYS B 231 15.26 3.48 -18.19
CA CYS B 231 16.25 2.60 -18.78
C CYS B 231 16.94 1.88 -17.59
N GLN B 232 17.53 0.73 -17.85
CA GLN B 232 18.15 -0.12 -16.84
C GLN B 232 19.36 -0.79 -17.49
N GLN B 233 20.46 -0.93 -16.75
CA GLN B 233 21.63 -1.63 -17.27
C GLN B 233 21.82 -2.89 -16.44
N THR B 234 22.21 -3.99 -17.10
CA THR B 234 22.44 -5.26 -16.43
C THR B 234 23.84 -5.82 -16.78
N ASN B 235 24.77 -4.94 -17.18
CA ASN B 235 26.15 -5.38 -17.51
C ASN B 235 27.04 -5.49 -16.26
N LYS B 236 26.84 -4.58 -15.28
CA LYS B 236 27.64 -4.51 -14.06
C LYS B 236 26.84 -4.55 -12.81
N TRP B 237 27.45 -5.09 -11.73
CA TRP B 237 26.84 -5.08 -10.42
C TRP B 237 27.14 -3.70 -9.75
N PRO B 238 26.20 -3.10 -9.03
CA PRO B 238 24.78 -3.47 -8.90
C PRO B 238 24.04 -3.10 -10.19
N LEU B 239 22.91 -3.76 -10.49
CA LEU B 239 22.08 -3.36 -11.63
C LEU B 239 21.54 -1.97 -11.27
N THR B 240 21.44 -1.05 -12.25
CA THR B 240 21.00 0.32 -11.96
C THR B 240 19.96 0.78 -12.96
N PHE B 241 19.22 1.82 -12.59
CA PHE B 241 18.19 2.42 -13.42
C PHE B 241 18.51 3.90 -13.65
N GLY B 242 17.94 4.46 -14.72
CA GLY B 242 17.99 5.89 -14.95
C GLY B 242 16.94 6.56 -14.07
N ALA B 243 16.98 7.90 -13.95
CA ALA B 243 16.01 8.65 -13.13
C ALA B 243 14.62 8.74 -13.80
N GLY B 244 14.57 8.33 -15.07
CA GLY B 244 13.36 8.24 -15.85
C GLY B 244 12.99 9.47 -16.63
N THR B 245 12.19 9.29 -17.68
CA THR B 245 11.63 10.41 -18.46
C THR B 245 10.11 10.33 -18.27
N LYS B 246 9.52 11.42 -17.77
CA LYS B 246 8.07 11.52 -17.57
C LYS B 246 7.41 12.03 -18.87
N LEU B 247 6.71 11.14 -19.62
CA LEU B 247 6.02 11.52 -20.84
C LEU B 247 4.59 11.95 -20.45
N GLU B 248 4.25 13.23 -20.73
CA GLU B 248 2.94 13.80 -20.37
C GLU B 248 2.29 14.58 -21.51
N LEU B 249 0.99 14.89 -21.37
CA LEU B 249 0.23 15.64 -22.37
C LEU B 249 0.57 17.14 -22.29
N LYS B 250 0.82 17.78 -23.46
CA LYS B 250 1.09 19.21 -23.60
C LYS B 250 -0.21 20.01 -23.33
N ALA B 251 -0.10 21.13 -22.57
CA ALA B 251 -1.23 22.00 -22.21
C ALA B 251 -1.89 22.66 -23.43
N GLY C 2 37.11 -8.74 -17.13
CA GLY C 2 35.75 -9.12 -16.80
C GLY C 2 34.73 -8.12 -17.30
N GLU C 3 34.47 -8.15 -18.61
CA GLU C 3 33.54 -7.25 -19.31
C GLU C 3 32.06 -7.69 -19.24
N ASN C 4 31.81 -8.95 -18.81
CA ASN C 4 30.47 -9.53 -18.68
C ASN C 4 30.29 -10.21 -17.30
N GLU C 5 30.50 -9.45 -16.21
CA GLU C 5 30.48 -9.97 -14.84
C GLU C 5 29.10 -10.49 -14.33
N THR C 6 27.96 -10.12 -14.96
CA THR C 6 26.63 -10.57 -14.50
C THR C 6 26.13 -11.84 -15.22
N ASP C 7 26.76 -12.22 -16.35
CA ASP C 7 26.34 -13.33 -17.20
C ASP C 7 26.19 -14.69 -16.49
N VAL C 8 27.14 -15.06 -15.59
CA VAL C 8 27.09 -16.33 -14.86
C VAL C 8 25.81 -16.41 -14.01
N MET C 9 25.53 -15.33 -13.28
CA MET C 9 24.35 -15.22 -12.43
C MET C 9 23.03 -15.11 -13.22
N LEU C 10 22.94 -14.16 -14.15
CA LEU C 10 21.69 -13.85 -14.84
C LEU C 10 21.35 -14.70 -16.08
N LEU C 11 22.37 -15.14 -16.85
CA LEU C 11 22.12 -15.84 -18.11
C LEU C 11 22.51 -17.31 -18.16
N ASN C 12 23.19 -17.84 -17.13
CA ASN C 12 23.65 -19.25 -17.08
C ASN C 12 23.16 -20.00 -15.83
N ASN D 4 -25.95 14.76 24.15
CA ASN D 4 -25.96 14.02 22.90
C ASN D 4 -25.64 14.94 21.71
N GLU D 5 -24.44 15.58 21.76
CA GLU D 5 -23.98 16.54 20.76
C GLU D 5 -23.75 15.99 19.33
N THR D 6 -23.61 14.67 19.13
CA THR D 6 -23.36 14.10 17.78
C THR D 6 -24.64 13.67 17.04
N ASP D 7 -25.81 13.56 17.73
CA ASP D 7 -27.07 13.07 17.12
C ASP D 7 -27.54 13.85 15.88
N VAL D 8 -27.45 15.19 15.90
CA VAL D 8 -27.89 16.02 14.75
C VAL D 8 -27.11 15.58 13.50
N MET D 9 -25.79 15.45 13.63
CA MET D 9 -24.92 15.07 12.53
C MET D 9 -25.07 13.57 12.14
N LEU D 10 -24.94 12.66 13.09
CA LEU D 10 -24.89 11.22 12.83
C LEU D 10 -26.23 10.49 12.72
N LEU D 11 -27.26 10.91 13.47
CA LEU D 11 -28.53 10.18 13.49
C LEU D 11 -29.75 10.89 12.91
N ASN D 12 -29.68 12.19 12.61
CA ASN D 12 -30.83 12.92 12.04
C ASN D 12 -30.43 13.73 10.79
#